data_9AXO
#
_entry.id   9AXO
#
_cell.length_a   60.519
_cell.length_b   60.519
_cell.length_c   259.857
_cell.angle_alpha   90.00
_cell.angle_beta   90.00
_cell.angle_gamma   90.00
#
_symmetry.space_group_name_H-M   'P 41 21 2'
#
loop_
_entity.id
_entity.type
_entity.pdbx_description
1 polymer 'HY11-7E1_Ch2 Fab Heavy Chain'
2 polymer 'HY11-7E1_Ch2 Fab Light Chain'
3 non-polymer GLYCEROL
4 non-polymer N-phenyl-N-[1-(2-phenylethyl)piperidin-4-yl]propanamide
5 water water
#
loop_
_entity_poly.entity_id
_entity_poly.type
_entity_poly.pdbx_seq_one_letter_code
_entity_poly.pdbx_strand_id
1 'polypeptide(L)'
;(PCA)VQLQQSGAELVKPGASVKLSCKASGYTFTNYDINWVRQRPEQGLEWIGWIFPGDGSTKYNEKFKGKATLTTDKSS
STAYMQLSRLTSEDSAVFFCATELVKDYYAMDYWGQGTSVTVSSASTKGPSVFPLAPSSKSTSGGTAALGCLVKDYFPEP
VTVSWNSGALTSGVHTFPAVLQSSGLYSLSSVVTVPSSSLGTQTYICNVNHKPSNTKVDKRVEPKSCDKTHHHHHH
;
H
2 'polypeptide(L)'
;DIVMTQSQKFMSTSVGDRVSVTCKASQNVGTNVAWYQQKPGQSPKALIYSASYRYSGVPDRFTGSGSGTDFTLTISNVQS
EDLAEYFCQQYNSYPYTFGGGTKLEIKRTVAAPSVFIFPPSDEQLKSGTASVVCLLNNFYPREAKVQWKVDNALQSGNSQ
ESVTEQDSKDSTYSLSSTLTLSKADYEKHKVYACEVTHQGLSSPVTKSFNRGE
;
L
#
loop_
_chem_comp.id
_chem_comp.type
_chem_comp.name
_chem_comp.formula
7V7 non-polymer N-phenyl-N-[1-(2-phenylethyl)piperidin-4-yl]propanamide 'C22 H28 N2 O'
GOL non-polymer GLYCEROL 'C3 H8 O3'
#
# COMPACT_ATOMS: atom_id res chain seq x y z
N PCA A 1 -19.35 -5.90 15.64
CA PCA A 1 -18.54 -6.14 14.44
CB PCA A 1 -18.38 -4.79 13.76
CG PCA A 1 -18.45 -3.81 14.96
CD PCA A 1 -19.31 -4.54 15.99
OE PCA A 1 -19.91 -4.07 16.95
C PCA A 1 -17.12 -6.73 14.75
O PCA A 1 -16.62 -6.32 15.82
N VAL A 2 -16.68 -7.70 13.96
CA VAL A 2 -15.41 -8.36 14.21
C VAL A 2 -14.25 -7.46 13.79
N GLN A 3 -13.24 -7.36 14.65
CA GLN A 3 -12.04 -6.60 14.34
C GLN A 3 -10.83 -7.37 14.83
N LEU A 4 -9.81 -7.45 13.99
CA LEU A 4 -8.47 -7.91 14.37
C LEU A 4 -7.53 -6.71 14.28
N GLN A 5 -6.96 -6.33 15.42
CA GLN A 5 -6.09 -5.17 15.53
C GLN A 5 -4.66 -5.66 15.78
N GLN A 6 -3.76 -5.39 14.85
CA GLN A 6 -2.39 -5.85 14.95
C GLN A 6 -1.48 -4.75 15.48
N SER A 7 -0.35 -5.18 16.03
CA SER A 7 0.63 -4.28 16.63
C SER A 7 1.37 -3.47 15.56
N GLY A 8 2.05 -2.42 16.00
CA GLY A 8 2.71 -1.49 15.10
C GLY A 8 3.94 -2.07 14.41
N ALA A 9 4.48 -1.26 13.49
CA ALA A 9 5.64 -1.65 12.70
C ALA A 9 6.89 -1.81 13.55
N GLU A 10 7.79 -2.72 13.13
CA GLU A 10 8.95 -3.11 13.91
C GLU A 10 10.24 -2.93 13.13
N LEU A 11 11.32 -2.56 13.84
CA LEU A 11 12.70 -2.65 13.36
C LEU A 11 13.45 -3.58 14.31
N VAL A 12 14.03 -4.65 13.77
CA VAL A 12 14.68 -5.67 14.60
C VAL A 12 16.07 -5.99 14.06
N LYS A 13 17.03 -6.11 14.98
CA LYS A 13 18.41 -6.45 14.63
C LYS A 13 18.48 -7.85 14.03
N PRO A 14 19.40 -8.10 13.09
CA PRO A 14 19.52 -9.45 12.53
C PRO A 14 19.82 -10.49 13.61
N GLY A 15 19.17 -11.65 13.49
CA GLY A 15 19.30 -12.72 14.45
C GLY A 15 18.46 -12.60 15.71
N ALA A 16 17.92 -11.42 16.01
CA ALA A 16 17.18 -11.19 17.24
C ALA A 16 15.73 -11.65 17.07
N SER A 17 14.87 -11.27 18.02
CA SER A 17 13.48 -11.72 18.03
C SER A 17 12.54 -10.56 18.33
N VAL A 18 11.26 -10.76 18.02
CA VAL A 18 10.22 -9.75 18.24
C VAL A 18 8.88 -10.48 18.35
N LYS A 19 7.99 -9.96 19.21
CA LYS A 19 6.67 -10.56 19.44
C LYS A 19 5.60 -9.68 18.81
N LEU A 20 4.90 -10.20 17.81
CA LEU A 20 3.79 -9.51 17.18
C LEU A 20 2.49 -9.93 17.85
N SER A 21 1.56 -9.00 17.99
CA SER A 21 0.28 -9.29 18.65
C SER A 21 -0.90 -8.98 17.72
N CYS A 22 -1.99 -9.70 17.95
CA CYS A 22 -3.20 -9.62 17.13
C CYS A 22 -4.39 -9.66 18.09
N LYS A 23 -4.96 -8.49 18.39
CA LYS A 23 -6.04 -8.39 19.36
C LYS A 23 -7.40 -8.56 18.67
N ALA A 24 -8.16 -9.56 19.12
CA ALA A 24 -9.47 -9.86 18.55
C ALA A 24 -10.59 -9.21 19.37
N SER A 25 -11.69 -8.92 18.70
CA SER A 25 -12.86 -8.35 19.37
C SER A 25 -14.10 -8.59 18.51
N GLY A 26 -15.26 -8.51 19.15
CA GLY A 26 -16.53 -8.67 18.48
C GLY A 26 -17.03 -10.09 18.33
N TYR A 27 -16.34 -11.09 18.88
CA TYR A 27 -16.77 -12.47 18.77
C TYR A 27 -16.11 -13.30 19.86
N THR A 28 -16.54 -14.55 19.97
CA THR A 28 -15.99 -15.51 20.93
C THR A 28 -14.64 -16.01 20.42
N PHE A 29 -13.58 -15.43 20.97
CA PHE A 29 -12.20 -15.73 20.55
C PHE A 29 -11.88 -17.21 20.63
N THR A 30 -12.41 -17.90 21.64
CA THR A 30 -12.07 -19.29 21.89
C THR A 30 -12.70 -20.27 20.90
N ASN A 31 -13.52 -19.83 19.94
CA ASN A 31 -14.27 -20.74 19.10
C ASN A 31 -13.79 -20.80 17.66
N TYR A 32 -12.72 -20.10 17.28
CA TYR A 32 -12.26 -20.08 15.90
C TYR A 32 -10.74 -20.00 15.85
N ASP A 33 -10.15 -20.60 14.81
CA ASP A 33 -8.71 -20.53 14.62
C ASP A 33 -8.27 -19.09 14.36
N ILE A 34 -7.06 -18.76 14.81
CA ILE A 34 -6.31 -17.62 14.28
C ILE A 34 -5.28 -18.18 13.31
N ASN A 35 -5.30 -17.70 12.08
CA ASN A 35 -4.31 -18.04 11.07
C ASN A 35 -3.33 -16.88 10.90
N TRP A 36 -2.07 -17.19 10.63
CA TRP A 36 -1.05 -16.18 10.36
C TRP A 36 -0.48 -16.39 8.96
N VAL A 37 -0.18 -15.29 8.29
CA VAL A 37 0.28 -15.27 6.90
C VAL A 37 1.44 -14.29 6.79
N ARG A 38 2.44 -14.65 5.98
CA ARG A 38 3.53 -13.74 5.61
C ARG A 38 3.33 -13.27 4.19
N GLN A 39 3.58 -11.98 3.94
CA GLN A 39 3.65 -11.47 2.58
C GLN A 39 4.95 -10.70 2.40
N ARG A 40 5.75 -11.14 1.42
CA ARG A 40 6.92 -10.40 0.98
C ARG A 40 6.67 -9.95 -0.45
N PRO A 41 6.72 -8.65 -0.76
CA PRO A 41 6.44 -8.24 -2.15
C PRO A 41 7.33 -8.92 -3.17
N GLU A 42 8.55 -9.30 -2.79
CA GLU A 42 9.48 -9.97 -3.69
C GLU A 42 9.23 -11.49 -3.80
N GLN A 43 8.20 -12.04 -3.16
CA GLN A 43 7.92 -13.47 -3.32
C GLN A 43 6.44 -13.82 -3.34
N GLY A 44 5.61 -13.20 -2.49
CA GLY A 44 4.19 -13.53 -2.46
C GLY A 44 3.64 -13.88 -1.08
N LEU A 45 2.48 -14.57 -1.05
CA LEU A 45 1.83 -14.95 0.20
C LEU A 45 2.26 -16.33 0.67
N GLU A 46 2.44 -16.48 1.98
CA GLU A 46 2.76 -17.75 2.60
C GLU A 46 1.98 -17.93 3.90
N TRP A 47 1.39 -19.11 4.07
CA TRP A 47 0.71 -19.46 5.31
C TRP A 47 1.72 -19.96 6.34
N ILE A 48 1.72 -19.34 7.52
CA ILE A 48 2.65 -19.72 8.58
C ILE A 48 2.09 -20.84 9.45
N GLY A 49 0.84 -20.72 9.88
CA GLY A 49 0.26 -21.70 10.77
C GLY A 49 -1.08 -21.23 11.28
N TRP A 50 -1.76 -22.14 12.00
CA TRP A 50 -2.97 -21.78 12.74
C TRP A 50 -2.81 -22.15 14.22
N ILE A 51 -3.54 -21.42 15.07
CA ILE A 51 -3.62 -21.71 16.49
C ILE A 51 -5.08 -21.60 16.90
N PHE A 52 -5.57 -22.59 17.66
CA PHE A 52 -6.94 -22.58 18.15
C PHE A 52 -6.95 -22.07 19.58
N PRO A 53 -7.52 -20.91 19.86
CA PRO A 53 -7.36 -20.32 21.20
C PRO A 53 -8.11 -21.07 22.30
N GLY A 54 -9.01 -21.98 21.97
CA GLY A 54 -9.72 -22.72 23.01
C GLY A 54 -8.78 -23.62 23.81
N ASP A 55 -7.98 -24.43 23.12
CA ASP A 55 -7.09 -25.37 23.78
C ASP A 55 -5.62 -25.10 23.50
N GLY A 56 -5.30 -24.08 22.71
CA GLY A 56 -3.92 -23.74 22.44
C GLY A 56 -3.21 -24.65 21.46
N SER A 57 -3.92 -25.52 20.77
CA SER A 57 -3.30 -26.38 19.77
C SER A 57 -2.86 -25.58 18.55
N THR A 58 -1.85 -26.09 17.85
CA THR A 58 -1.24 -25.36 16.74
C THR A 58 -0.90 -26.31 15.60
N LYS A 59 -0.82 -25.76 14.39
CA LYS A 59 -0.31 -26.48 13.22
C LYS A 59 0.57 -25.50 12.45
N TYR A 60 1.89 -25.76 12.44
CA TYR A 60 2.84 -24.89 11.76
C TYR A 60 3.15 -25.40 10.36
N ASN A 61 3.40 -24.47 9.46
CA ASN A 61 4.10 -24.76 8.21
C ASN A 61 5.56 -25.11 8.52
N GLU A 62 5.99 -26.27 8.03
CA GLU A 62 7.32 -26.79 8.39
C GLU A 62 8.42 -25.77 8.19
N LYS A 63 8.28 -24.87 7.22
CA LYS A 63 9.36 -23.95 6.89
C LYS A 63 9.64 -22.95 8.02
N PHE A 64 8.67 -22.69 8.89
CA PHE A 64 8.82 -21.66 9.90
C PHE A 64 9.17 -22.21 11.29
N LYS A 65 9.48 -23.51 11.40
CA LYS A 65 9.93 -24.07 12.67
C LYS A 65 11.19 -23.37 13.14
N GLY A 66 11.17 -22.88 14.38
CA GLY A 66 12.26 -22.11 14.94
C GLY A 66 12.29 -20.66 14.50
N LYS A 67 11.49 -20.28 13.52
CA LYS A 67 11.33 -18.88 13.14
C LYS A 67 10.10 -18.25 13.78
N ALA A 68 8.97 -18.97 13.82
CA ALA A 68 7.72 -18.48 14.36
C ALA A 68 7.25 -19.37 15.51
N THR A 69 6.54 -18.77 16.47
CA THR A 69 5.95 -19.53 17.57
C THR A 69 4.65 -18.86 17.97
N LEU A 70 3.53 -19.56 17.79
CA LEU A 70 2.20 -19.01 17.99
C LEU A 70 1.70 -19.31 19.41
N THR A 71 1.15 -18.29 20.06
CA THR A 71 0.51 -18.46 21.37
C THR A 71 -0.73 -17.57 21.41
N THR A 72 -1.63 -17.85 22.36
CA THR A 72 -2.82 -17.04 22.57
C THR A 72 -3.03 -16.78 24.06
N ASP A 73 -3.52 -15.59 24.37
CA ASP A 73 -4.01 -15.25 25.71
C ASP A 73 -5.53 -15.09 25.61
N LYS A 74 -6.25 -16.14 26.00
CA LYS A 74 -7.71 -16.09 25.98
C LYS A 74 -8.25 -15.04 26.96
N SER A 75 -7.49 -14.72 28.00
CA SER A 75 -7.93 -13.73 28.98
C SER A 75 -8.13 -12.36 28.34
N SER A 76 -7.26 -12.00 27.39
CA SER A 76 -7.32 -10.70 26.73
C SER A 76 -7.73 -10.82 25.26
N SER A 77 -8.18 -12.00 24.84
CA SER A 77 -8.55 -12.25 23.46
C SER A 77 -7.46 -11.78 22.49
N THR A 78 -6.23 -12.18 22.77
CA THR A 78 -5.07 -11.75 22.01
C THR A 78 -4.29 -12.98 21.53
N ALA A 79 -3.99 -13.01 20.24
CA ALA A 79 -3.06 -13.98 19.68
C ALA A 79 -1.69 -13.33 19.50
N TYR A 80 -0.64 -14.15 19.57
CA TYR A 80 0.72 -13.65 19.45
C TYR A 80 1.50 -14.54 18.49
N MET A 81 2.50 -13.95 17.84
CA MET A 81 3.48 -14.69 17.06
C MET A 81 4.88 -14.19 17.42
N GLN A 82 5.67 -15.05 18.07
CA GLN A 82 7.07 -14.74 18.35
C GLN A 82 7.88 -15.03 17.10
N LEU A 83 8.59 -14.03 16.60
CA LEU A 83 9.50 -14.18 15.47
C LEU A 83 10.93 -14.12 15.99
N SER A 84 11.74 -15.12 15.63
CA SER A 84 13.10 -15.23 16.13
C SER A 84 14.02 -15.74 15.03
N ARG A 85 15.32 -15.50 15.23
CA ARG A 85 16.35 -15.85 14.25
C ARG A 85 16.14 -15.16 12.90
N LEU A 86 15.67 -13.93 12.92
CA LEU A 86 15.37 -13.25 11.65
C LEU A 86 16.66 -12.92 10.90
N THR A 87 16.66 -13.20 9.60
CA THR A 87 17.68 -12.76 8.67
C THR A 87 17.22 -11.47 8.00
N SER A 88 18.17 -10.76 7.36
CA SER A 88 17.76 -9.60 6.58
C SER A 88 16.81 -9.99 5.45
N GLU A 89 16.82 -11.26 5.05
CA GLU A 89 15.86 -11.77 4.06
C GLU A 89 14.47 -11.98 4.64
N ASP A 90 14.30 -11.89 5.96
CA ASP A 90 13.01 -12.16 6.59
C ASP A 90 12.14 -10.92 6.72
N SER A 91 12.57 -9.76 6.22
CA SER A 91 11.74 -8.56 6.28
C SER A 91 10.44 -8.79 5.50
N ALA A 92 9.30 -8.51 6.13
CA ALA A 92 8.02 -8.87 5.54
C ALA A 92 6.89 -8.13 6.24
N VAL A 93 5.70 -8.24 5.65
CA VAL A 93 4.45 -7.86 6.31
C VAL A 93 3.78 -9.14 6.78
N PHE A 94 3.38 -9.18 8.06
CA PHE A 94 2.74 -10.33 8.65
C PHE A 94 1.29 -10.01 8.97
N PHE A 95 0.38 -10.85 8.49
CA PHE A 95 -1.06 -10.70 8.72
C PHE A 95 -1.54 -11.79 9.68
N CYS A 96 -2.50 -11.44 10.54
CA CYS A 96 -3.33 -12.41 11.23
C CYS A 96 -4.73 -12.40 10.64
N ALA A 97 -5.37 -13.56 10.64
CA ALA A 97 -6.69 -13.68 10.04
C ALA A 97 -7.50 -14.71 10.80
N THR A 98 -8.83 -14.54 10.77
CA THR A 98 -9.75 -15.52 11.33
C THR A 98 -10.98 -15.57 10.44
N GLU A 99 -11.70 -16.69 10.52
CA GLU A 99 -12.89 -16.92 9.72
C GLU A 99 -13.98 -17.49 10.61
N LEU A 100 -15.18 -16.92 10.51
CA LEU A 100 -16.36 -17.42 11.21
C LEU A 100 -17.28 -18.09 10.21
N VAL A 101 -17.61 -19.36 10.45
CA VAL A 101 -18.53 -20.11 9.61
C VAL A 101 -19.78 -20.41 10.43
N LYS A 102 -20.94 -20.05 9.89
CA LYS A 102 -22.23 -20.28 10.55
C LYS A 102 -23.20 -20.81 9.49
N ASP A 103 -23.73 -22.01 9.72
CA ASP A 103 -24.57 -22.69 8.74
C ASP A 103 -23.90 -22.75 7.37
N TYR A 104 -22.59 -22.99 7.40
CA TYR A 104 -21.70 -23.05 6.24
C TYR A 104 -21.65 -21.75 5.44
N TYR A 105 -22.25 -20.66 5.92
CA TYR A 105 -21.90 -19.33 5.44
C TYR A 105 -20.61 -18.89 6.12
N ALA A 106 -19.60 -18.52 5.33
CA ALA A 106 -18.28 -18.15 5.84
C ALA A 106 -18.02 -16.66 5.68
N MET A 107 -17.35 -16.06 6.67
CA MET A 107 -16.86 -14.68 6.56
C MET A 107 -15.45 -14.61 7.16
N ASP A 108 -14.51 -14.07 6.38
CA ASP A 108 -13.15 -13.88 6.84
C ASP A 108 -12.95 -12.48 7.41
N TYR A 109 -12.00 -12.37 8.35
CA TYR A 109 -11.59 -11.10 8.92
C TYR A 109 -10.08 -11.07 9.06
N TRP A 110 -9.46 -9.95 8.69
CA TRP A 110 -8.01 -9.83 8.67
C TRP A 110 -7.56 -8.65 9.53
N GLY A 111 -6.43 -8.81 10.20
CA GLY A 111 -5.72 -7.67 10.74
C GLY A 111 -5.19 -6.78 9.64
N GLN A 112 -4.72 -5.60 10.02
CA GLN A 112 -4.22 -4.67 9.02
C GLN A 112 -2.78 -4.94 8.63
N GLY A 113 -2.16 -5.98 9.18
CA GLY A 113 -0.77 -6.31 8.88
C GLY A 113 0.21 -5.59 9.78
N THR A 114 1.36 -6.25 10.01
CA THR A 114 2.47 -5.63 10.72
C THR A 114 3.73 -5.77 9.86
N SER A 115 4.34 -4.63 9.56
CA SER A 115 5.60 -4.62 8.83
C SER A 115 6.77 -4.87 9.80
N VAL A 116 7.62 -5.83 9.47
CA VAL A 116 8.83 -6.12 10.22
C VAL A 116 10.02 -5.89 9.29
N THR A 117 10.89 -4.95 9.66
CA THR A 117 12.11 -4.67 8.91
C THR A 117 13.31 -5.17 9.71
N VAL A 118 14.08 -6.06 9.10
CA VAL A 118 15.23 -6.70 9.74
C VAL A 118 16.49 -6.01 9.23
N SER A 119 17.11 -5.18 10.07
CA SER A 119 18.29 -4.44 9.65
C SER A 119 19.10 -4.03 10.86
N SER A 120 20.41 -3.84 10.65
CA SER A 120 21.30 -3.39 11.71
C SER A 120 21.35 -1.88 11.86
N ALA A 121 20.86 -1.13 10.87
CA ALA A 121 20.85 0.32 10.92
C ALA A 121 19.91 0.82 12.01
N SER A 122 20.22 2.00 12.55
CA SER A 122 19.39 2.62 13.58
C SER A 122 18.19 3.31 12.95
N THR A 123 17.09 3.35 13.70
CA THR A 123 15.88 4.03 13.22
C THR A 123 16.06 5.55 13.24
N LYS A 124 15.38 6.21 12.30
CA LYS A 124 15.31 7.67 12.26
C LYS A 124 13.88 8.10 11.97
N GLY A 125 13.39 9.07 12.74
CA GLY A 125 12.06 9.59 12.56
C GLY A 125 12.00 10.65 11.47
N PRO A 126 10.86 10.75 10.79
CA PRO A 126 10.76 11.65 9.65
C PRO A 126 10.78 13.12 10.04
N SER A 127 11.21 13.94 9.09
CA SER A 127 10.93 15.37 9.09
C SER A 127 9.74 15.61 8.18
N VAL A 128 8.76 16.38 8.64
CA VAL A 128 7.50 16.57 7.93
C VAL A 128 7.40 18.02 7.50
N PHE A 129 7.30 18.24 6.19
CA PHE A 129 7.27 19.58 5.63
C PHE A 129 5.99 19.81 4.83
N PRO A 130 5.40 21.01 4.91
CA PRO A 130 4.15 21.27 4.18
C PRO A 130 4.38 21.48 2.69
N LEU A 131 3.44 20.98 1.89
CA LEU A 131 3.36 21.32 0.47
C LEU A 131 2.20 22.31 0.34
N ALA A 132 2.54 23.59 0.46
CA ALA A 132 1.54 24.63 0.61
C ALA A 132 0.73 24.81 -0.68
N PRO A 133 -0.59 25.04 -0.56
CA PRO A 133 -1.35 25.39 -1.76
C PRO A 133 -1.03 26.81 -2.23
N SER A 134 -1.04 26.99 -3.55
CA SER A 134 -0.76 28.31 -4.13
C SER A 134 -1.35 28.34 -5.53
N SER A 135 -1.20 29.49 -6.19
CA SER A 135 -1.61 29.63 -7.58
C SER A 135 -0.94 28.59 -8.47
N LYS A 136 0.23 28.10 -8.07
CA LYS A 136 0.94 27.11 -8.86
C LYS A 136 0.49 25.68 -8.59
N SER A 137 -0.48 25.47 -7.70
CA SER A 137 -1.03 24.13 -7.48
C SER A 137 -2.55 24.16 -7.57
N THR A 138 -3.11 24.97 -8.47
CA THR A 138 -4.56 25.04 -8.69
C THR A 138 -4.90 24.66 -10.13
N SER A 139 -6.08 24.08 -10.30
CA SER A 139 -6.58 23.70 -11.62
C SER A 139 -8.10 23.70 -11.55
N GLY A 140 -8.73 24.51 -12.40
CA GLY A 140 -10.19 24.51 -12.49
C GLY A 140 -10.91 24.69 -11.16
N GLY A 141 -10.38 25.57 -10.31
CA GLY A 141 -10.97 25.82 -9.01
C GLY A 141 -10.67 24.79 -7.93
N THR A 142 -9.97 23.70 -8.25
CA THR A 142 -9.45 22.80 -7.24
C THR A 142 -8.06 23.25 -6.82
N ALA A 143 -7.68 22.91 -5.59
CA ALA A 143 -6.36 23.24 -5.07
C ALA A 143 -5.70 21.98 -4.54
N ALA A 144 -4.46 21.74 -4.95
CA ALA A 144 -3.67 20.64 -4.41
C ALA A 144 -2.77 21.15 -3.30
N LEU A 145 -2.71 20.38 -2.21
CA LEU A 145 -1.83 20.66 -1.08
C LEU A 145 -1.35 19.32 -0.53
N GLY A 146 -0.32 19.34 0.29
CA GLY A 146 0.18 18.07 0.76
C GLY A 146 1.22 18.21 1.86
N CYS A 147 1.85 17.07 2.16
CA CYS A 147 2.95 16.98 3.11
C CYS A 147 4.05 16.14 2.49
N LEU A 148 5.30 16.55 2.72
CA LEU A 148 6.47 15.79 2.33
C LEU A 148 7.08 15.19 3.59
N VAL A 149 7.11 13.85 3.66
CA VAL A 149 7.56 13.12 4.83
C VAL A 149 8.92 12.55 4.48
N LYS A 150 9.98 13.19 4.99
CA LYS A 150 11.33 13.03 4.45
C LYS A 150 12.30 12.49 5.47
N ASP A 151 13.25 11.68 5.00
CA ASP A 151 14.40 11.18 5.76
C ASP A 151 13.98 10.35 6.98
N TYR A 152 13.41 9.17 6.73
CA TYR A 152 13.06 8.25 7.80
C TYR A 152 13.50 6.83 7.49
N PHE A 153 13.64 6.01 8.55
CA PHE A 153 13.99 4.60 8.44
C PHE A 153 13.51 3.84 9.67
N PRO A 154 12.93 2.63 9.52
CA PRO A 154 12.60 1.94 8.26
C PRO A 154 11.24 2.36 7.74
N GLU A 155 10.73 1.70 6.70
CA GLU A 155 9.32 1.81 6.38
C GLU A 155 8.51 1.05 7.44
N PRO A 156 7.21 1.37 7.58
CA PRO A 156 6.43 2.39 6.89
C PRO A 156 6.10 3.58 7.79
N VAL A 157 5.70 4.71 7.19
CA VAL A 157 4.93 5.74 7.91
C VAL A 157 3.47 5.52 7.56
N THR A 158 2.57 5.85 8.48
CA THR A 158 1.16 5.99 8.15
C THR A 158 0.83 7.47 8.16
N VAL A 159 0.16 7.92 7.09
CA VAL A 159 -0.24 9.31 6.95
C VAL A 159 -1.74 9.37 6.81
N SER A 160 -2.36 10.25 7.59
CA SER A 160 -3.79 10.52 7.49
C SER A 160 -3.98 12.03 7.43
N TRP A 161 -5.17 12.45 7.05
CA TRP A 161 -5.50 13.87 6.95
C TRP A 161 -6.69 14.18 7.85
N ASN A 162 -6.54 15.20 8.70
CA ASN A 162 -7.58 15.64 9.63
C ASN A 162 -8.11 14.47 10.46
N SER A 163 -7.18 13.71 11.03
CA SER A 163 -7.46 12.57 11.90
C SER A 163 -8.36 11.53 11.24
N GLY A 164 -8.34 11.45 9.92
CA GLY A 164 -9.13 10.49 9.18
C GLY A 164 -10.41 11.04 8.61
N ALA A 165 -10.76 12.29 8.94
CA ALA A 165 -11.97 12.89 8.40
C ALA A 165 -11.85 13.23 6.92
N LEU A 166 -10.62 13.33 6.40
CA LEU A 166 -10.37 13.66 5.01
C LEU A 166 -9.74 12.45 4.33
N THR A 167 -10.46 11.87 3.37
CA THR A 167 -9.97 10.74 2.59
C THR A 167 -10.18 10.88 1.09
N SER A 168 -11.24 11.56 0.66
CA SER A 168 -11.49 11.74 -0.77
C SER A 168 -10.41 12.64 -1.38
N GLY A 169 -9.89 12.21 -2.52
CA GLY A 169 -8.87 12.97 -3.22
C GLY A 169 -7.47 12.84 -2.66
N VAL A 170 -7.25 12.03 -1.64
CA VAL A 170 -5.91 11.83 -1.09
C VAL A 170 -5.15 10.85 -1.99
N HIS A 171 -3.90 11.21 -2.30
CA HIS A 171 -2.93 10.28 -2.88
C HIS A 171 -1.72 10.27 -1.94
N THR A 172 -1.47 9.13 -1.30
CA THR A 172 -0.25 8.94 -0.53
C THR A 172 0.65 8.00 -1.33
N PHE A 173 1.76 8.54 -1.82
CA PHE A 173 2.58 7.88 -2.82
C PHE A 173 3.48 6.82 -2.19
N PRO A 174 3.88 5.80 -2.94
CA PRO A 174 4.92 4.89 -2.46
C PRO A 174 6.19 5.67 -2.15
N ALA A 175 6.87 5.25 -1.08
CA ALA A 175 8.07 5.95 -0.66
C ALA A 175 9.21 5.67 -1.63
N VAL A 176 10.19 6.57 -1.66
CA VAL A 176 11.39 6.39 -2.47
C VAL A 176 12.59 6.24 -1.55
N LEU A 177 13.56 5.43 -1.99
CA LEU A 177 14.77 5.16 -1.23
C LEU A 177 15.86 6.11 -1.71
N GLN A 178 16.31 6.99 -0.81
CA GLN A 178 17.32 7.97 -1.12
C GLN A 178 18.72 7.36 -1.02
N SER A 179 19.71 8.02 -1.65
CA SER A 179 21.09 7.55 -1.60
C SER A 179 21.54 7.26 -0.18
N SER A 180 21.09 8.06 0.79
CA SER A 180 21.47 7.89 2.18
C SER A 180 20.93 6.62 2.81
N GLY A 181 20.10 5.87 2.10
CA GLY A 181 19.39 4.75 2.69
C GLY A 181 18.15 5.13 3.46
N LEU A 182 17.86 6.41 3.59
CA LEU A 182 16.62 6.86 4.21
C LEU A 182 15.50 6.91 3.18
N TYR A 183 14.26 6.83 3.67
CA TYR A 183 13.09 6.91 2.80
C TYR A 183 12.48 8.30 2.83
N SER A 184 11.80 8.65 1.73
CA SER A 184 11.00 9.88 1.68
C SER A 184 9.69 9.59 0.96
N LEU A 185 8.65 10.35 1.31
CA LEU A 185 7.30 10.07 0.86
C LEU A 185 6.52 11.37 0.71
N SER A 186 5.62 11.41 -0.26
CA SER A 186 4.68 12.50 -0.43
C SER A 186 3.26 12.03 -0.16
N SER A 187 2.47 12.87 0.50
CA SER A 187 1.03 12.68 0.62
C SER A 187 0.35 13.98 0.20
N VAL A 188 -0.56 13.90 -0.77
CA VAL A 188 -1.22 15.08 -1.33
C VAL A 188 -2.72 14.87 -1.32
N VAL A 189 -3.45 15.98 -1.37
CA VAL A 189 -4.92 15.97 -1.40
C VAL A 189 -5.38 17.14 -2.24
N THR A 190 -6.47 16.95 -2.98
CA THR A 190 -7.10 18.02 -3.75
C THR A 190 -8.39 18.46 -3.06
N VAL A 191 -8.55 19.76 -2.90
CA VAL A 191 -9.68 20.32 -2.14
C VAL A 191 -10.22 21.50 -2.93
N PRO A 192 -11.38 22.06 -2.59
CA PRO A 192 -11.84 23.27 -3.26
C PRO A 192 -10.95 24.45 -2.92
N SER A 193 -10.65 25.26 -3.94
CA SER A 193 -9.85 26.46 -3.69
C SER A 193 -10.64 27.52 -2.94
N SER A 194 -11.95 27.56 -3.15
CA SER A 194 -12.77 28.60 -2.53
C SER A 194 -12.72 28.55 -1.00
N SER A 195 -12.59 27.36 -0.42
CA SER A 195 -12.71 27.19 1.02
C SER A 195 -11.35 27.11 1.72
N LEU A 196 -10.28 27.58 1.09
CA LEU A 196 -8.97 27.51 1.72
C LEU A 196 -8.88 28.40 2.96
N GLY A 197 -9.68 29.46 3.02
CA GLY A 197 -9.63 30.36 4.16
C GLY A 197 -10.40 29.90 5.38
N THR A 198 -11.31 28.94 5.23
CA THR A 198 -12.13 28.49 6.34
C THR A 198 -11.86 27.05 6.79
N GLN A 199 -11.30 26.21 5.94
CA GLN A 199 -10.99 24.84 6.31
C GLN A 199 -9.55 24.72 6.79
N THR A 200 -9.32 23.76 7.69
CA THR A 200 -7.99 23.44 8.19
C THR A 200 -7.55 22.09 7.64
N TYR A 201 -6.30 22.02 7.18
CA TYR A 201 -5.75 20.81 6.60
C TYR A 201 -4.49 20.43 7.37
N ILE A 202 -4.52 19.28 8.03
CA ILE A 202 -3.44 18.79 8.87
C ILE A 202 -3.15 17.36 8.44
N CYS A 203 -1.92 17.08 8.03
CA CYS A 203 -1.48 15.71 7.81
C CYS A 203 -0.96 15.13 9.12
N ASN A 204 -1.45 13.96 9.47
CA ASN A 204 -1.03 13.28 10.69
C ASN A 204 -0.06 12.17 10.28
N VAL A 205 1.19 12.30 10.68
CA VAL A 205 2.24 11.34 10.33
C VAL A 205 2.61 10.57 11.59
N ASN A 206 2.64 9.25 11.48
CA ASN A 206 3.02 8.38 12.60
C ASN A 206 4.05 7.38 12.11
N HIS A 207 5.14 7.25 12.86
CA HIS A 207 6.23 6.32 12.54
C HIS A 207 6.54 5.54 13.81
N LYS A 208 6.03 4.32 13.90
CA LYS A 208 6.15 3.57 15.14
C LYS A 208 7.59 3.24 15.53
N PRO A 209 8.49 2.84 14.62
CA PRO A 209 9.82 2.40 15.07
C PRO A 209 10.60 3.45 15.84
N SER A 210 10.42 4.75 15.57
CA SER A 210 11.04 5.80 16.34
C SER A 210 10.06 6.50 17.29
N ASN A 211 8.87 5.93 17.48
CA ASN A 211 7.81 6.53 18.29
C ASN A 211 7.60 8.01 17.95
N THR A 212 7.55 8.32 16.67
CA THR A 212 7.37 9.69 16.19
C THR A 212 5.94 9.94 15.74
N LYS A 213 5.31 10.98 16.28
CA LYS A 213 3.99 11.45 15.86
C LYS A 213 4.09 12.93 15.55
N VAL A 214 3.67 13.32 14.35
CA VAL A 214 3.66 14.72 13.93
C VAL A 214 2.28 15.03 13.34
N ASP A 215 1.70 16.16 13.76
CA ASP A 215 0.51 16.72 13.13
C ASP A 215 0.94 18.05 12.51
N LYS A 216 1.03 18.10 11.18
CA LYS A 216 1.54 19.27 10.49
C LYS A 216 0.39 19.99 9.78
N ARG A 217 0.15 21.24 10.19
CA ARG A 217 -0.84 22.09 9.55
C ARG A 217 -0.26 22.67 8.26
N VAL A 218 -1.04 22.60 7.17
CA VAL A 218 -0.60 23.04 5.85
C VAL A 218 -1.40 24.29 5.50
N GLU A 219 -0.71 25.44 5.43
CA GLU A 219 -1.31 26.75 5.18
C GLU A 219 -0.94 27.29 3.80
N PRO A 220 -1.83 28.01 3.12
CA PRO A 220 -1.48 28.56 1.81
C PRO A 220 -0.34 29.57 1.88
N LYS A 221 0.53 29.54 0.86
CA LYS A 221 1.51 30.60 0.59
C LYS A 221 2.09 30.38 -0.80
N ASP B 1 6.94 -30.58 -1.03
CA ASP B 1 6.62 -29.75 -2.23
C ASP B 1 5.16 -29.95 -2.69
N ILE B 2 4.34 -28.90 -2.51
CA ILE B 2 2.98 -28.84 -3.04
C ILE B 2 2.76 -27.41 -3.52
N VAL B 3 2.17 -27.23 -4.70
CA VAL B 3 2.15 -25.93 -5.34
C VAL B 3 0.83 -25.65 -6.04
N MET B 4 0.53 -24.35 -6.18
CA MET B 4 -0.61 -23.81 -6.90
C MET B 4 -0.07 -22.75 -7.85
N THR B 5 -0.45 -22.79 -9.12
CA THR B 5 0.13 -21.90 -10.13
C THR B 5 -0.96 -21.17 -10.91
N GLN B 6 -0.80 -19.86 -11.03
CA GLN B 6 -1.62 -19.02 -11.91
C GLN B 6 -0.76 -18.61 -13.10
N SER B 7 -1.23 -18.93 -14.32
CA SER B 7 -0.42 -18.68 -15.50
C SER B 7 -0.28 -17.19 -15.79
N GLN B 8 -1.38 -16.45 -15.69
CA GLN B 8 -1.36 -15.01 -15.95
C GLN B 8 -0.80 -14.28 -14.74
N LYS B 9 0.35 -13.61 -14.93
CA LYS B 9 0.85 -12.69 -13.90
C LYS B 9 0.14 -11.35 -13.98
N PHE B 10 -0.11 -10.87 -15.19
CA PHE B 10 -0.85 -9.63 -15.42
C PHE B 10 -2.01 -9.91 -16.35
N MET B 11 -3.17 -9.31 -16.06
CA MET B 11 -4.31 -9.37 -16.96
C MET B 11 -4.85 -7.96 -17.17
N SER B 12 -5.34 -7.71 -18.39
CA SER B 12 -5.79 -6.38 -18.81
C SER B 12 -7.21 -6.49 -19.36
N THR B 13 -8.09 -5.60 -18.93
CA THR B 13 -9.48 -5.63 -19.38
C THR B 13 -10.09 -4.25 -19.26
N SER B 14 -11.16 -4.02 -20.02
CA SER B 14 -11.95 -2.80 -19.94
C SER B 14 -13.06 -2.96 -18.91
N VAL B 15 -13.61 -1.82 -18.48
CA VAL B 15 -14.75 -1.84 -17.58
C VAL B 15 -15.98 -2.32 -18.34
N GLY B 16 -16.77 -3.21 -17.72
CA GLY B 16 -17.92 -3.80 -18.35
C GLY B 16 -17.67 -5.14 -19.01
N ASP B 17 -16.43 -5.52 -19.22
CA ASP B 17 -16.08 -6.80 -19.84
C ASP B 17 -15.98 -7.89 -18.78
N ARG B 18 -16.04 -9.14 -19.24
CA ARG B 18 -15.75 -10.30 -18.40
C ARG B 18 -14.30 -10.72 -18.54
N VAL B 19 -13.75 -11.27 -17.45
CA VAL B 19 -12.37 -11.74 -17.41
C VAL B 19 -12.30 -12.93 -16.46
N SER B 20 -11.29 -13.78 -16.66
CA SER B 20 -11.10 -14.93 -15.78
C SER B 20 -9.63 -15.28 -15.68
N VAL B 21 -9.20 -15.67 -14.47
CA VAL B 21 -7.83 -16.04 -14.18
C VAL B 21 -7.77 -17.54 -13.94
N THR B 22 -6.77 -18.19 -14.54
CA THR B 22 -6.57 -19.63 -14.39
C THR B 22 -5.69 -19.91 -13.18
N CYS B 23 -6.07 -20.91 -12.38
CA CYS B 23 -5.21 -21.46 -11.34
C CYS B 23 -5.19 -22.97 -11.47
N LYS B 24 -4.00 -23.53 -11.63
CA LYS B 24 -3.81 -24.97 -11.74
C LYS B 24 -3.25 -25.51 -10.42
N ALA B 25 -3.74 -26.68 -10.02
CA ALA B 25 -3.31 -27.31 -8.77
C ALA B 25 -2.50 -28.56 -9.06
N SER B 26 -1.41 -28.71 -8.32
CA SER B 26 -0.50 -29.84 -8.54
C SER B 26 -1.11 -31.18 -8.15
N GLN B 27 -2.06 -31.21 -7.21
CA GLN B 27 -2.70 -32.46 -6.81
C GLN B 27 -4.20 -32.25 -6.66
N ASN B 28 -4.94 -33.35 -6.54
CA ASN B 28 -6.39 -33.25 -6.40
C ASN B 28 -6.75 -32.52 -5.11
N VAL B 29 -7.48 -31.44 -5.24
CA VAL B 29 -7.92 -30.64 -4.10
C VAL B 29 -9.43 -30.57 -3.98
N GLY B 30 -10.18 -30.88 -5.04
CA GLY B 30 -11.63 -31.00 -4.96
C GLY B 30 -12.37 -29.70 -4.80
N THR B 31 -13.11 -29.58 -3.69
CA THR B 31 -13.74 -28.30 -3.37
C THR B 31 -12.80 -27.32 -2.68
N ASN B 32 -11.72 -27.80 -2.09
CA ASN B 32 -11.04 -27.04 -1.03
C ASN B 32 -10.00 -26.07 -1.59
N VAL B 33 -10.46 -25.17 -2.47
CA VAL B 33 -9.69 -24.04 -2.96
C VAL B 33 -10.41 -22.75 -2.58
N ALA B 34 -9.64 -21.71 -2.26
CA ALA B 34 -10.18 -20.38 -1.94
C ALA B 34 -9.56 -19.34 -2.87
N TRP B 35 -10.29 -18.25 -3.10
CA TRP B 35 -9.78 -17.14 -3.90
C TRP B 35 -9.80 -15.85 -3.09
N TYR B 36 -8.78 -15.01 -3.26
CA TYR B 36 -8.63 -13.77 -2.52
C TYR B 36 -8.42 -12.59 -3.46
N GLN B 37 -8.87 -11.42 -2.99
CA GLN B 37 -8.60 -10.14 -3.63
C GLN B 37 -7.71 -9.31 -2.69
N GLN B 38 -6.69 -8.66 -3.25
CA GLN B 38 -5.87 -7.74 -2.46
C GLN B 38 -5.57 -6.48 -3.26
N LYS B 39 -5.75 -5.32 -2.61
CA LYS B 39 -5.40 -4.00 -3.11
C LYS B 39 -4.15 -3.48 -2.39
N PRO B 40 -3.36 -2.63 -3.03
CA PRO B 40 -2.08 -2.24 -2.43
C PRO B 40 -2.26 -1.57 -1.06
N GLY B 41 -1.40 -1.97 -0.13
CA GLY B 41 -1.46 -1.49 1.25
C GLY B 41 -2.56 -2.09 2.09
N GLN B 42 -3.43 -2.92 1.53
CA GLN B 42 -4.54 -3.49 2.27
C GLN B 42 -4.35 -4.98 2.50
N SER B 43 -5.09 -5.50 3.48
CA SER B 43 -5.12 -6.92 3.75
C SER B 43 -5.85 -7.66 2.62
N PRO B 44 -5.55 -8.95 2.43
CA PRO B 44 -6.37 -9.75 1.50
C PRO B 44 -7.81 -9.84 2.01
N LYS B 45 -8.73 -10.03 1.06
CA LYS B 45 -10.13 -10.29 1.37
C LYS B 45 -10.58 -11.49 0.56
N ALA B 46 -11.20 -12.46 1.23
CA ALA B 46 -11.61 -13.68 0.56
C ALA B 46 -12.85 -13.43 -0.28
N LEU B 47 -12.83 -13.98 -1.50
CA LEU B 47 -13.92 -13.90 -2.45
C LEU B 47 -14.72 -15.20 -2.52
N ILE B 48 -14.03 -16.33 -2.68
CA ILE B 48 -14.64 -17.61 -2.98
C ILE B 48 -14.10 -18.65 -2.00
N TYR B 49 -14.95 -19.59 -1.59
CA TYR B 49 -14.52 -20.79 -0.89
C TYR B 49 -15.29 -21.97 -1.48
N SER B 50 -14.88 -23.18 -1.09
CA SER B 50 -15.36 -24.41 -1.73
C SER B 50 -15.13 -24.38 -3.23
N ALA B 51 -14.12 -23.61 -3.64
CA ALA B 51 -13.78 -23.34 -5.04
C ALA B 51 -14.93 -22.78 -5.86
N SER B 52 -16.15 -22.74 -5.31
CA SER B 52 -17.31 -22.53 -6.16
C SER B 52 -18.34 -21.56 -5.61
N TYR B 53 -18.23 -21.08 -4.38
CA TYR B 53 -19.20 -20.11 -3.93
C TYR B 53 -18.55 -19.10 -3.00
N ARG B 54 -19.27 -18.00 -2.81
CA ARG B 54 -18.72 -16.70 -2.44
C ARG B 54 -18.98 -16.34 -0.98
N TYR B 55 -18.01 -15.67 -0.38
CA TYR B 55 -18.16 -15.17 0.99
C TYR B 55 -19.29 -14.15 1.08
N SER B 56 -19.85 -14.02 2.28
CA SER B 56 -20.98 -13.11 2.48
C SER B 56 -20.60 -11.69 2.09
N GLY B 57 -21.51 -11.02 1.39
CA GLY B 57 -21.30 -9.68 0.89
C GLY B 57 -20.47 -9.56 -0.38
N VAL B 58 -19.87 -10.64 -0.86
CA VAL B 58 -19.17 -10.59 -2.14
C VAL B 58 -20.21 -10.53 -3.27
N PRO B 59 -20.06 -9.65 -4.26
CA PRO B 59 -21.09 -9.52 -5.29
C PRO B 59 -21.05 -10.67 -6.29
N ASP B 60 -22.17 -10.80 -7.00
CA ASP B 60 -22.37 -11.89 -7.95
C ASP B 60 -21.46 -11.80 -9.18
N ARG B 61 -20.77 -10.67 -9.38
CA ARG B 61 -19.78 -10.60 -10.45
C ARG B 61 -18.77 -11.74 -10.33
N PHE B 62 -18.44 -12.13 -9.10
CA PHE B 62 -17.40 -13.13 -8.87
C PHE B 62 -18.02 -14.52 -8.86
N THR B 63 -17.62 -15.35 -9.83
CA THR B 63 -17.99 -16.76 -9.88
C THR B 63 -16.72 -17.59 -9.92
N GLY B 64 -16.53 -18.43 -8.91
CA GLY B 64 -15.46 -19.42 -8.96
C GLY B 64 -15.94 -20.72 -9.56
N SER B 65 -15.00 -21.47 -10.14
CA SER B 65 -15.36 -22.77 -10.72
C SER B 65 -14.10 -23.63 -10.81
N GLY B 66 -14.32 -24.93 -10.90
CA GLY B 66 -13.23 -25.87 -11.08
C GLY B 66 -13.60 -27.26 -10.59
N SER B 67 -12.83 -28.25 -11.04
CA SER B 67 -13.06 -29.65 -10.70
C SER B 67 -11.72 -30.31 -10.41
N GLY B 68 -11.46 -30.60 -9.13
CA GLY B 68 -10.30 -31.37 -8.74
C GLY B 68 -8.96 -30.65 -8.81
N THR B 69 -8.53 -30.28 -10.02
CA THR B 69 -7.20 -29.74 -10.22
C THR B 69 -7.15 -28.50 -11.10
N ASP B 70 -8.24 -28.16 -11.79
CA ASP B 70 -8.29 -27.03 -12.71
C ASP B 70 -9.32 -26.04 -12.18
N PHE B 71 -8.89 -24.82 -11.87
CA PHE B 71 -9.75 -23.85 -11.21
C PHE B 71 -9.68 -22.50 -11.92
N THR B 72 -10.82 -21.80 -11.98
CA THR B 72 -10.89 -20.46 -12.54
C THR B 72 -11.72 -19.56 -11.64
N LEU B 73 -11.24 -18.35 -11.40
CA LEU B 73 -12.08 -17.26 -10.93
C LEU B 73 -12.48 -16.42 -12.13
N THR B 74 -13.78 -16.21 -12.30
CA THR B 74 -14.32 -15.39 -13.37
C THR B 74 -14.94 -14.15 -12.74
N ILE B 75 -14.64 -12.98 -13.31
CA ILE B 75 -15.27 -11.72 -12.91
C ILE B 75 -16.06 -11.22 -14.11
N SER B 76 -17.38 -11.17 -13.96
CA SER B 76 -18.25 -10.60 -14.98
C SER B 76 -18.46 -9.11 -14.72
N ASN B 77 -18.72 -8.37 -15.80
CA ASN B 77 -19.01 -6.93 -15.71
C ASN B 77 -17.99 -6.22 -14.82
N VAL B 78 -16.71 -6.38 -15.17
CA VAL B 78 -15.61 -5.85 -14.37
C VAL B 78 -15.80 -4.37 -14.10
N GLN B 79 -15.55 -3.98 -12.85
CA GLN B 79 -15.67 -2.60 -12.37
C GLN B 79 -14.28 -2.07 -12.02
N SER B 80 -14.17 -0.74 -11.96
CA SER B 80 -12.91 -0.13 -11.52
C SER B 80 -12.58 -0.52 -10.08
N GLU B 81 -13.61 -0.74 -9.25
CA GLU B 81 -13.37 -1.25 -7.90
C GLU B 81 -12.68 -2.62 -7.90
N ASP B 82 -12.82 -3.38 -8.98
CA ASP B 82 -12.26 -4.73 -9.02
C ASP B 82 -10.77 -4.74 -9.27
N LEU B 83 -10.15 -3.58 -9.47
CA LEU B 83 -8.70 -3.50 -9.64
C LEU B 83 -7.98 -4.02 -8.40
N ALA B 84 -7.25 -5.11 -8.55
CA ALA B 84 -6.60 -5.76 -7.41
C ALA B 84 -5.67 -6.84 -7.95
N GLU B 85 -4.88 -7.41 -7.04
CA GLU B 85 -4.19 -8.66 -7.30
C GLU B 85 -5.05 -9.80 -6.75
N TYR B 86 -5.12 -10.90 -7.49
CA TYR B 86 -5.98 -12.01 -7.14
C TYR B 86 -5.16 -13.27 -6.95
N PHE B 87 -5.47 -14.03 -5.89
CA PHE B 87 -4.75 -15.23 -5.53
C PHE B 87 -5.71 -16.40 -5.37
N CYS B 88 -5.29 -17.59 -5.83
CA CYS B 88 -5.91 -18.84 -5.45
C CYS B 88 -5.13 -19.47 -4.28
N GLN B 89 -5.80 -20.38 -3.57
CA GLN B 89 -5.19 -21.06 -2.43
C GLN B 89 -5.83 -22.43 -2.28
N GLN B 90 -5.03 -23.41 -1.87
CA GLN B 90 -5.57 -24.71 -1.47
C GLN B 90 -5.48 -24.87 0.05
N TYR B 91 -6.57 -25.34 0.64
CA TYR B 91 -6.63 -25.64 2.06
C TYR B 91 -6.99 -27.10 2.30
N ASN B 92 -6.81 -27.94 1.28
CA ASN B 92 -7.08 -29.38 1.41
C ASN B 92 -6.03 -30.07 2.27
N SER B 93 -4.76 -29.74 2.07
CA SER B 93 -3.68 -30.43 2.78
C SER B 93 -2.57 -29.45 3.14
N TYR B 94 -1.87 -29.76 4.23
CA TYR B 94 -0.82 -28.91 4.79
C TYR B 94 0.51 -29.14 4.07
N PRO B 95 1.38 -28.11 4.00
CA PRO B 95 1.09 -26.74 4.42
C PRO B 95 0.17 -26.04 3.42
N TYR B 96 -0.69 -25.14 3.88
CA TYR B 96 -1.55 -24.40 2.97
C TYR B 96 -0.71 -23.55 2.03
N THR B 97 -1.11 -23.43 0.77
CA THR B 97 -0.31 -22.73 -0.23
C THR B 97 -1.16 -21.84 -1.13
N PHE B 98 -0.64 -20.65 -1.43
CA PHE B 98 -1.25 -19.67 -2.31
C PHE B 98 -0.61 -19.70 -3.70
N GLY B 99 -1.33 -19.19 -4.70
CA GLY B 99 -0.75 -18.94 -6.00
C GLY B 99 0.11 -17.69 -6.03
N GLY B 100 0.77 -17.48 -7.17
CA GLY B 100 1.67 -16.35 -7.33
C GLY B 100 1.03 -14.99 -7.50
N GLY B 101 -0.28 -14.94 -7.73
CA GLY B 101 -0.97 -13.67 -7.88
C GLY B 101 -1.14 -13.17 -9.31
N THR B 102 -2.32 -12.64 -9.62
CA THR B 102 -2.63 -12.10 -10.94
C THR B 102 -3.15 -10.67 -10.76
N LYS B 103 -2.43 -9.69 -11.29
CA LYS B 103 -2.82 -8.29 -11.15
C LYS B 103 -3.76 -7.90 -12.28
N LEU B 104 -4.92 -7.36 -11.91
CA LEU B 104 -5.89 -6.83 -12.87
C LEU B 104 -5.57 -5.37 -13.20
N GLU B 105 -5.42 -5.07 -14.48
CA GLU B 105 -5.23 -3.71 -14.97
C GLU B 105 -6.46 -3.28 -15.76
N ILE B 106 -6.88 -2.03 -15.59
CA ILE B 106 -8.08 -1.50 -16.24
C ILE B 106 -7.65 -0.62 -17.42
N LYS B 107 -8.11 -0.97 -18.63
CA LYS B 107 -7.92 -0.11 -19.78
C LYS B 107 -9.03 0.94 -19.84
N ARG B 108 -8.66 2.19 -20.11
CA ARG B 108 -9.60 3.32 -20.14
C ARG B 108 -9.12 4.34 -21.16
N THR B 109 -9.95 5.37 -21.39
CA THR B 109 -9.57 6.43 -22.31
C THR B 109 -8.34 7.19 -21.79
N VAL B 110 -7.61 7.81 -22.73
CA VAL B 110 -6.46 8.63 -22.36
C VAL B 110 -6.94 9.80 -21.49
N ALA B 111 -6.11 10.16 -20.50
CA ALA B 111 -6.40 11.30 -19.63
C ALA B 111 -5.10 12.02 -19.34
N ALA B 112 -5.07 13.32 -19.63
CA ALA B 112 -3.86 14.10 -19.43
C ALA B 112 -3.66 14.42 -17.96
N PRO B 113 -2.41 14.55 -17.52
CA PRO B 113 -2.17 14.90 -16.11
C PRO B 113 -2.47 16.38 -15.83
N SER B 114 -3.09 16.64 -14.69
CA SER B 114 -3.04 17.96 -14.11
C SER B 114 -1.70 18.11 -13.40
N VAL B 115 -0.96 19.18 -13.70
CA VAL B 115 0.41 19.33 -13.25
C VAL B 115 0.47 20.47 -12.24
N PHE B 116 1.07 20.19 -11.09
CA PHE B 116 1.17 21.12 -9.98
C PHE B 116 2.62 21.12 -9.49
N ILE B 117 3.10 22.25 -8.97
CA ILE B 117 4.46 22.36 -8.47
C ILE B 117 4.45 23.06 -7.11
N PHE B 118 5.34 22.62 -6.22
CA PHE B 118 5.41 23.13 -4.84
C PHE B 118 6.81 23.58 -4.53
N PRO B 119 7.04 24.84 -4.15
CA PRO B 119 8.38 25.26 -3.72
C PRO B 119 8.72 24.72 -2.33
N PRO B 120 9.98 24.78 -1.93
CA PRO B 120 10.33 24.29 -0.58
C PRO B 120 9.71 25.15 0.51
N SER B 121 9.44 24.51 1.64
CA SER B 121 8.95 25.23 2.81
C SER B 121 10.08 25.98 3.49
N ASP B 122 9.73 27.05 4.20
CA ASP B 122 10.75 27.77 4.95
C ASP B 122 11.35 26.90 6.05
N GLU B 123 10.54 26.00 6.65
CA GLU B 123 11.08 25.12 7.68
C GLU B 123 12.15 24.20 7.13
N GLN B 124 11.96 23.67 5.92
CA GLN B 124 12.99 22.81 5.35
C GLN B 124 14.25 23.61 5.05
N LEU B 125 14.09 24.83 4.55
CA LEU B 125 15.25 25.66 4.22
C LEU B 125 16.08 25.96 5.46
N LYS B 126 15.45 26.11 6.63
CA LYS B 126 16.22 26.34 7.84
C LYS B 126 17.12 25.14 8.16
N SER B 127 16.75 23.94 7.71
CA SER B 127 17.59 22.77 7.93
C SER B 127 18.73 22.66 6.92
N GLY B 128 18.87 23.62 6.03
CA GLY B 128 19.97 23.62 5.09
C GLY B 128 19.74 22.88 3.79
N THR B 129 18.50 22.55 3.44
CA THR B 129 18.25 21.79 2.23
C THR B 129 16.88 22.17 1.66
N ALA B 130 16.72 21.99 0.34
CA ALA B 130 15.56 22.48 -0.39
C ALA B 130 15.02 21.38 -1.30
N SER B 131 13.75 21.01 -1.11
CA SER B 131 13.06 20.06 -1.99
C SER B 131 11.96 20.75 -2.76
N VAL B 132 11.95 20.55 -4.08
CA VAL B 132 10.89 21.01 -4.97
C VAL B 132 10.09 19.79 -5.39
N VAL B 133 8.75 19.88 -5.33
CA VAL B 133 7.88 18.75 -5.65
C VAL B 133 7.03 19.10 -6.86
N CYS B 134 6.96 18.17 -7.82
CA CYS B 134 6.14 18.27 -9.01
C CYS B 134 5.13 17.13 -8.98
N LEU B 135 3.84 17.46 -9.08
CA LEU B 135 2.76 16.49 -8.91
C LEU B 135 1.97 16.40 -10.22
N LEU B 136 1.87 15.17 -10.75
CA LEU B 136 1.05 14.86 -11.92
C LEU B 136 -0.16 14.07 -11.45
N ASN B 137 -1.35 14.64 -11.57
CA ASN B 137 -2.53 14.12 -10.90
C ASN B 137 -3.50 13.48 -11.89
N ASN B 138 -3.92 12.25 -11.57
CA ASN B 138 -4.96 11.48 -12.25
C ASN B 138 -4.82 11.51 -13.78
N PHE B 139 -3.92 10.68 -14.31
CA PHE B 139 -3.65 10.61 -15.75
C PHE B 139 -3.65 9.15 -16.19
N TYR B 140 -3.72 8.95 -17.52
CA TYR B 140 -3.72 7.62 -18.12
C TYR B 140 -3.31 7.73 -19.58
N PRO B 141 -2.48 6.84 -20.11
CA PRO B 141 -1.85 5.67 -19.47
C PRO B 141 -0.72 6.02 -18.51
N ARG B 142 -0.16 4.98 -17.88
CA ARG B 142 0.83 5.17 -16.83
C ARG B 142 2.09 5.88 -17.32
N GLU B 143 2.41 5.76 -18.60
CA GLU B 143 3.67 6.28 -19.12
C GLU B 143 3.65 7.81 -19.14
N ALA B 144 4.55 8.43 -18.37
CA ALA B 144 4.71 9.87 -18.35
C ALA B 144 6.18 10.18 -18.06
N LYS B 145 6.70 11.25 -18.66
CA LYS B 145 8.09 11.64 -18.50
C LYS B 145 8.16 13.05 -17.92
N VAL B 146 8.88 13.18 -16.80
CA VAL B 146 9.02 14.43 -16.07
C VAL B 146 10.47 14.86 -16.15
N GLN B 147 10.70 16.09 -16.60
CA GLN B 147 12.04 16.67 -16.68
C GLN B 147 12.12 17.91 -15.81
N TRP B 148 13.11 17.95 -14.92
CA TRP B 148 13.35 19.12 -14.09
C TRP B 148 14.32 20.06 -14.81
N LYS B 149 13.98 21.35 -14.83
CA LYS B 149 14.84 22.38 -15.41
C LYS B 149 14.99 23.52 -14.40
N VAL B 150 16.23 23.90 -14.12
CA VAL B 150 16.56 24.99 -13.22
C VAL B 150 17.32 26.04 -14.01
N ASP B 151 16.79 27.27 -14.04
CA ASP B 151 17.25 28.31 -14.97
C ASP B 151 17.39 27.74 -16.38
N ASN B 152 16.39 26.93 -16.75
CA ASN B 152 16.25 26.27 -18.04
C ASN B 152 17.33 25.23 -18.33
N ALA B 153 18.20 24.93 -17.38
CA ALA B 153 19.17 23.86 -17.55
C ALA B 153 18.56 22.52 -17.12
N LEU B 154 18.57 21.54 -18.02
CA LEU B 154 18.03 20.22 -17.71
C LEU B 154 18.84 19.56 -16.60
N GLN B 155 18.15 19.16 -15.54
CA GLN B 155 18.78 18.50 -14.41
C GLN B 155 18.81 16.99 -14.61
N SER B 156 19.75 16.34 -13.93
CA SER B 156 19.73 14.89 -13.79
C SER B 156 20.53 14.49 -12.57
N GLY B 157 20.15 13.37 -11.96
CA GLY B 157 20.86 12.82 -10.82
C GLY B 157 20.45 13.39 -9.48
N ASN B 158 19.61 14.42 -9.44
CA ASN B 158 19.24 15.07 -8.20
C ASN B 158 17.74 15.02 -7.92
N SER B 159 17.03 14.04 -8.48
CA SER B 159 15.59 13.94 -8.29
C SER B 159 15.17 12.48 -8.17
N GLN B 160 13.97 12.27 -7.61
CA GLN B 160 13.38 10.94 -7.46
C GLN B 160 11.88 11.04 -7.65
N GLU B 161 11.27 10.00 -8.22
CA GLU B 161 9.83 10.01 -8.48
C GLU B 161 9.20 8.67 -8.13
N SER B 162 7.87 8.69 -7.99
CA SER B 162 7.08 7.52 -7.63
C SER B 162 5.67 7.70 -8.20
N VAL B 163 5.05 6.58 -8.59
CA VAL B 163 3.72 6.57 -9.21
C VAL B 163 2.78 5.77 -8.32
N THR B 164 1.52 6.21 -8.24
CA THR B 164 0.53 5.49 -7.45
C THR B 164 0.18 4.15 -8.09
N GLU B 165 -0.50 3.31 -7.32
CA GLU B 165 -1.27 2.24 -7.93
C GLU B 165 -2.39 2.86 -8.77
N GLN B 166 -2.99 2.04 -9.64
CA GLN B 166 -4.10 2.52 -10.45
C GLN B 166 -5.32 2.77 -9.56
N ASP B 167 -6.00 3.89 -9.80
CA ASP B 167 -7.04 4.37 -8.90
C ASP B 167 -8.28 3.48 -8.98
N SER B 168 -8.87 3.20 -7.82
CA SER B 168 -10.02 2.30 -7.75
C SER B 168 -11.32 2.93 -8.25
N LYS B 169 -11.39 4.26 -8.33
CA LYS B 169 -12.61 4.92 -8.77
C LYS B 169 -12.55 5.35 -10.23
N ASP B 170 -11.45 5.98 -10.68
CA ASP B 170 -11.36 6.47 -12.05
C ASP B 170 -10.25 5.79 -12.86
N SER B 171 -9.58 4.79 -12.29
CA SER B 171 -8.58 3.98 -12.98
C SER B 171 -7.42 4.82 -13.54
N THR B 172 -7.17 6.00 -12.98
CA THR B 172 -6.01 6.79 -13.38
C THR B 172 -4.81 6.48 -12.50
N TYR B 173 -3.67 7.06 -12.87
CA TYR B 173 -2.48 7.09 -12.05
C TYR B 173 -2.17 8.53 -11.65
N SER B 174 -1.32 8.67 -10.63
CA SER B 174 -0.74 9.95 -10.26
C SER B 174 0.74 9.75 -9.98
N LEU B 175 1.52 10.80 -10.17
CA LEU B 175 2.97 10.71 -10.06
C LEU B 175 3.50 11.91 -9.27
N SER B 176 4.40 11.64 -8.34
CA SER B 176 5.09 12.66 -7.56
C SER B 176 6.58 12.59 -7.83
N SER B 177 7.19 13.74 -8.12
CA SER B 177 8.62 13.84 -8.36
C SER B 177 9.21 14.90 -7.45
N THR B 178 10.34 14.60 -6.80
CA THR B 178 10.99 15.53 -5.89
C THR B 178 12.40 15.84 -6.39
N LEU B 179 12.66 17.12 -6.63
CA LEU B 179 14.01 17.62 -6.89
C LEU B 179 14.60 18.13 -5.59
N THR B 180 15.77 17.61 -5.20
CA THR B 180 16.35 17.86 -3.88
C THR B 180 17.73 18.49 -4.04
N LEU B 181 17.88 19.71 -3.53
CA LEU B 181 19.13 20.47 -3.59
C LEU B 181 19.50 20.95 -2.20
N SER B 182 20.77 21.32 -2.03
CA SER B 182 21.17 22.05 -0.84
C SER B 182 20.58 23.47 -0.87
N LYS B 183 20.46 24.07 0.32
CA LYS B 183 19.99 25.46 0.37
C LYS B 183 20.90 26.37 -0.44
N ALA B 184 22.21 26.14 -0.33
CA ALA B 184 23.18 26.98 -1.03
C ALA B 184 22.99 26.90 -2.55
N ASP B 185 22.88 25.69 -3.09
CA ASP B 185 22.63 25.56 -4.52
C ASP B 185 21.25 26.09 -4.90
N TYR B 186 20.25 25.90 -4.04
CA TYR B 186 18.91 26.38 -4.35
C TYR B 186 18.90 27.89 -4.54
N GLU B 187 19.70 28.60 -3.74
CA GLU B 187 19.73 30.06 -3.79
C GLU B 187 20.61 30.60 -4.91
N LYS B 188 21.39 29.75 -5.58
CA LYS B 188 22.20 30.20 -6.71
C LYS B 188 21.37 30.45 -7.97
N HIS B 189 20.14 29.93 -8.02
CA HIS B 189 19.34 29.91 -9.24
C HIS B 189 17.99 30.58 -9.00
N LYS B 190 17.34 30.99 -10.10
CA LYS B 190 16.10 31.76 -10.01
C LYS B 190 14.85 30.94 -10.35
N VAL B 191 14.81 30.30 -11.53
CA VAL B 191 13.59 29.69 -12.04
C VAL B 191 13.65 28.18 -11.85
N TYR B 192 12.60 27.63 -11.25
CA TYR B 192 12.45 26.19 -11.05
C TYR B 192 11.21 25.69 -11.78
N ALA B 193 11.40 24.67 -12.62
CA ALA B 193 10.34 24.21 -13.50
C ALA B 193 10.40 22.69 -13.65
N CYS B 194 9.22 22.06 -13.77
CA CYS B 194 9.11 20.67 -14.19
C CYS B 194 8.31 20.61 -15.49
N GLU B 195 8.83 19.87 -16.46
CA GLU B 195 8.24 19.75 -17.79
C GLU B 195 7.70 18.34 -17.96
N VAL B 196 6.42 18.24 -18.31
CA VAL B 196 5.71 16.96 -18.38
C VAL B 196 5.37 16.67 -19.83
N THR B 197 5.74 15.47 -20.30
CA THR B 197 5.22 14.93 -21.54
C THR B 197 4.31 13.74 -21.24
N HIS B 198 3.21 13.64 -21.97
CA HIS B 198 2.26 12.56 -21.77
C HIS B 198 1.40 12.44 -23.02
N GLN B 199 0.92 11.22 -23.28
CA GLN B 199 0.15 10.96 -24.50
C GLN B 199 -1.05 11.89 -24.63
N GLY B 200 -1.70 12.21 -23.51
CA GLY B 200 -2.84 13.11 -23.53
C GLY B 200 -2.51 14.57 -23.75
N LEU B 201 -1.22 14.91 -23.80
CA LEU B 201 -0.78 16.28 -24.02
C LEU B 201 -0.24 16.39 -25.43
N SER B 202 -0.81 17.31 -26.22
CA SER B 202 -0.33 17.53 -27.58
C SER B 202 1.08 18.10 -27.61
N SER B 203 1.50 18.76 -26.52
CA SER B 203 2.77 19.45 -26.41
C SER B 203 3.16 19.38 -24.94
N PRO B 204 4.46 19.40 -24.61
CA PRO B 204 4.83 19.34 -23.19
C PRO B 204 4.21 20.48 -22.39
N VAL B 205 3.87 20.18 -21.14
CA VAL B 205 3.37 21.16 -20.18
C VAL B 205 4.48 21.50 -19.21
N THR B 206 4.70 22.79 -18.94
CA THR B 206 5.69 23.23 -17.98
C THR B 206 5.01 24.01 -16.86
N LYS B 207 5.25 23.60 -15.63
CA LYS B 207 4.90 24.38 -14.43
C LYS B 207 6.19 24.93 -13.84
N SER B 208 6.21 26.21 -13.49
CA SER B 208 7.44 26.82 -13.00
C SER B 208 7.11 27.91 -11.99
N PHE B 209 8.12 28.26 -11.18
CA PHE B 209 8.03 29.39 -10.27
C PHE B 209 9.40 30.05 -10.15
N ASN B 210 9.38 31.33 -9.79
CA ASN B 210 10.62 32.08 -9.53
C ASN B 210 10.93 32.03 -8.05
N ARG B 211 12.14 31.59 -7.70
CA ARG B 211 12.56 31.62 -6.30
C ARG B 211 12.53 33.05 -5.79
N GLY B 212 12.13 33.20 -4.53
CA GLY B 212 11.77 34.49 -4.01
C GLY B 212 10.37 34.92 -4.35
N GLU B 213 9.64 34.09 -5.08
CA GLU B 213 8.23 34.30 -5.37
C GLU B 213 7.99 35.65 -6.02
C1 GOL C . 23.05 -9.21 8.19
O1 GOL C . 23.78 -9.48 9.33
C2 GOL C . 22.80 -10.55 7.43
O2 GOL C . 23.98 -11.24 7.20
C3 GOL C . 21.80 -11.37 8.29
O3 GOL C . 21.38 -12.46 7.51
C1 GOL D . 8.91 11.21 -4.44
O1 GOL D . 8.23 12.38 -4.76
C2 GOL D . 8.31 10.65 -3.12
O2 GOL D . 8.33 11.61 -2.11
C3 GOL D . 6.87 10.18 -3.42
O3 GOL D . 6.49 9.31 -2.40
C1 GOL E . -12.52 29.61 -8.16
O1 GOL E . -12.05 30.91 -8.23
C2 GOL E . -13.44 29.50 -6.92
O2 GOL E . -13.81 28.19 -6.67
C3 GOL E . -14.67 30.37 -7.20
O3 GOL E . -15.48 30.33 -6.06
C1 GOL F . -11.23 21.15 9.38
O1 GOL F . -11.75 21.46 8.11
C2 GOL F . -11.95 19.95 10.05
O2 GOL F . -13.25 20.24 10.35
C3 GOL F . -11.82 18.78 9.09
O3 GOL F . -12.45 19.16 7.92
C1 GOL G . 1.35 0.42 18.66
O1 GOL G . 1.85 1.55 19.28
C2 GOL G . 1.49 -0.78 19.66
O2 GOL G . 0.89 -1.94 19.15
C3 GOL G . 3.00 -0.99 19.92
O3 GOL G . 3.11 -2.13 20.72
C1 GOL H . -4.28 20.60 -16.89
O1 GOL H . -5.63 20.61 -16.60
C2 GOL H . -3.61 21.63 -15.94
O2 GOL H . -3.92 21.39 -14.62
C3 GOL H . -2.09 21.53 -16.19
O3 GOL H . -1.46 22.42 -15.32
C1 GOL I . -5.09 17.56 14.41
O1 GOL I . -5.51 16.73 15.45
C2 GOL I . -6.07 17.36 13.20
O2 GOL I . -6.01 16.08 12.67
C3 GOL I . -7.50 17.73 13.69
O3 GOL I . -8.28 17.92 12.53
C1 GOL J . -19.28 -17.93 18.78
O1 GOL J . -19.98 -18.84 18.01
C2 GOL J . -19.90 -16.52 18.55
O2 GOL J . -19.21 -15.54 19.23
C3 GOL J . -19.87 -16.26 17.02
O3 GOL J . -20.61 -15.11 16.79
C1 GOL K . -17.32 11.02 -3.19
O1 GOL K . -16.29 10.70 -2.30
C2 GOL K . -16.82 10.43 -4.53
O2 GOL K . -16.76 9.05 -4.47
C3 GOL K . -17.66 10.93 -5.74
O3 GOL K . -18.93 10.44 -5.63
C1 GOL L . -0.69 35.46 -12.09
O1 GOL L . -0.75 36.76 -11.62
C2 GOL L . -0.32 34.58 -10.89
O2 GOL L . -0.35 33.22 -11.19
C3 GOL L . 0.98 35.03 -10.22
O3 GOL L . 1.18 34.06 -9.23
C10 7V7 M . -11.02 -22.68 5.34
C13 7V7 M . -14.02 -23.38 5.24
C15 7V7 M . -15.33 -25.02 3.87
C17 7V7 M . -17.74 -24.87 3.73
C20 7V7 M . -8.58 -18.85 6.06
C21 7V7 M . -8.56 -18.92 7.45
C22 7V7 M . -8.88 -17.79 8.20
C24 7V7 M . -9.17 -16.52 6.18
C02 7V7 M . -6.88 -20.23 4.97
C03 7V7 M . -5.84 -19.27 5.52
C04 7V7 M . -4.50 -19.58 4.89
C06 7V7 M . -9.32 -20.92 4.78
C07 7V7 M . -10.47 -20.11 4.14
C08 7V7 M . -11.56 -21.09 3.63
C11 7V7 M . -9.92 -21.80 5.92
C12 7V7 M . -13.13 -22.80 4.12
C14 7V7 M . -15.32 -23.89 4.70
C16 7V7 M . -16.55 -25.50 3.39
C18 7V7 M . -17.72 -23.75 4.57
C19 7V7 M . -16.51 -23.27 5.05
C23 7V7 M . -9.17 -16.59 7.57
C25 7V7 M . -8.86 -17.64 5.42
N05 7V7 M . -8.22 -20.00 5.29
N09 7V7 M . -12.10 -21.89 4.73
O01 7V7 M . -6.58 -21.22 4.31
C1 GOL N . -15.00 -6.48 -4.97
O1 GOL N . -14.16 -5.45 -5.39
C2 GOL N . -15.54 -6.15 -3.55
O2 GOL N . -16.62 -6.96 -3.22
C3 GOL N . -14.37 -6.35 -2.54
O3 GOL N . -14.83 -5.88 -1.31
C1 GOL O . 21.01 21.49 -21.06
O1 GOL O . 19.92 22.22 -20.60
C2 GOL O . 22.09 21.46 -19.93
O2 GOL O . 23.13 20.61 -20.23
C3 GOL O . 22.55 22.92 -19.74
O3 GOL O . 23.55 22.90 -18.77
C1 GOL P . -10.45 8.51 -26.95
O1 GOL P . -11.27 8.39 -25.84
C2 GOL P . -8.98 8.64 -26.42
O2 GOL P . -8.52 7.48 -25.86
C3 GOL P . -8.13 9.09 -27.66
O3 GOL P . -6.84 9.33 -27.20
C1 GOL Q . -8.32 18.56 -10.95
O1 GOL Q . -8.40 19.24 -12.15
C2 GOL Q . -7.28 17.43 -11.11
O2 GOL Q . -7.10 16.71 -9.94
C3 GOL Q . -7.76 16.53 -12.26
O3 GOL Q . -6.82 15.49 -12.36
#